data_9OQX
#
_entry.id   9OQX
#
_cell.length_a   87.672
_cell.length_b   87.672
_cell.length_c   147.509
_cell.angle_alpha   90.000
_cell.angle_beta   90.000
_cell.angle_gamma   90.000
#
_symmetry.space_group_name_H-M   'P 41 21 2'
#
loop_
_entity.id
_entity.type
_entity.pdbx_description
1 polymer 'N-hydroxylamine dehydratase (NohD)'
2 non-polymer 'PROTOPORPHYRIN IX CONTAINING FE'
3 non-polymer GLYCEROL
4 non-polymer 'SULFATE ION'
5 water water
#
_entity_poly.entity_id   1
_entity_poly.type   'polypeptide(L)'
_entity_poly.pdbx_seq_one_letter_code
;MFVPSYYAAARPEQAAELVRSNPFALVVSAVDGVPVATHAPVILEGDAVEGGTLLGHMARANPHWRSFASSPDVLVVFSG
PHGYVSPTVYATDPAAPTWDYAAVHATGRVELAEDALDVVERTVAALEAPRDPAWTPTPASREYFRALLPGVVAFRVRVR
TEQSMFKLSQDLDAERYARVREAFAADNPGLADLMDRSLEHHHHHH
;
_entity_poly.pdbx_strand_id   A,B
#
loop_
_chem_comp.id
_chem_comp.type
_chem_comp.name
_chem_comp.formula
GOL non-polymer GLYCEROL 'C3 H8 O3'
HEM non-polymer 'PROTOPORPHYRIN IX CONTAINING FE' 'C34 H32 Fe N4 O4'
SO4 non-polymer 'SULFATE ION' 'O4 S -2'
#
# COMPACT_ATOMS: atom_id res chain seq x y z
N MET A 1 -6.14 -1.70 11.91
CA MET A 1 -6.03 -3.07 11.44
C MET A 1 -6.59 -3.94 12.55
N PHE A 2 -7.51 -4.83 12.24
CA PHE A 2 -7.93 -5.90 13.14
C PHE A 2 -7.42 -7.22 12.57
N VAL A 3 -6.79 -8.06 13.39
CA VAL A 3 -6.22 -9.32 12.92
C VAL A 3 -6.95 -10.48 13.60
N PRO A 4 -7.84 -11.17 12.87
CA PRO A 4 -8.44 -12.41 13.40
C PRO A 4 -7.36 -13.44 13.71
N SER A 5 -7.59 -14.24 14.75
CA SER A 5 -6.56 -15.16 15.18
C SER A 5 -6.05 -16.06 14.05
N TYR A 6 -6.93 -16.47 13.14
CA TYR A 6 -6.52 -17.42 12.10
C TYR A 6 -5.76 -16.75 10.97
N TYR A 7 -5.63 -15.43 11.00
CA TYR A 7 -4.78 -14.70 10.07
C TYR A 7 -3.56 -14.12 10.76
N ALA A 8 -3.29 -14.51 11.99
CA ALA A 8 -2.07 -14.06 12.64
C ALA A 8 -0.85 -14.74 12.02
N ALA A 9 0.31 -14.12 12.19
CA ALA A 9 1.55 -14.74 11.76
C ALA A 9 1.74 -16.10 12.44
N ALA A 10 2.20 -17.07 11.66
CA ALA A 10 2.45 -18.40 12.22
C ALA A 10 3.67 -18.40 13.13
N ARG A 11 4.67 -17.58 12.80
CA ARG A 11 5.91 -17.41 13.55
C ARG A 11 6.20 -15.92 13.63
N PRO A 12 6.71 -15.42 14.75
CA PRO A 12 6.89 -13.96 14.88
C PRO A 12 7.92 -13.39 13.90
N GLU A 13 8.90 -14.20 13.46
CA GLU A 13 9.88 -13.73 12.48
C GLU A 13 9.23 -13.40 11.15
N GLN A 14 8.03 -13.91 10.89
CA GLN A 14 7.34 -13.64 9.63
C GLN A 14 7.05 -12.16 9.45
N ALA A 15 6.77 -11.46 10.54
CA ALA A 15 6.53 -10.03 10.43
C ALA A 15 7.79 -9.30 9.97
N ALA A 16 8.92 -9.58 10.61
CA ALA A 16 10.16 -8.94 10.19
C ALA A 16 10.51 -9.30 8.75
N GLU A 17 10.27 -10.54 8.34
CA GLU A 17 10.59 -10.91 6.96
C GLU A 17 9.74 -10.15 5.96
N LEU A 18 8.46 -9.92 6.28
CA LEU A 18 7.62 -9.11 5.40
C LEU A 18 8.14 -7.69 5.29
N VAL A 19 8.52 -7.10 6.42
CA VAL A 19 9.07 -5.75 6.41
C VAL A 19 10.30 -5.67 5.54
N ARG A 20 11.23 -6.62 5.71
N ARG A 20 11.24 -6.61 5.73
CA ARG A 20 12.48 -6.55 4.94
CA ARG A 20 12.47 -6.59 4.97
C ARG A 20 12.25 -6.82 3.46
C ARG A 20 12.23 -6.79 3.48
N SER A 21 11.22 -7.61 3.13
CA SER A 21 10.94 -7.92 1.73
C SER A 21 10.13 -6.85 1.02
N ASN A 22 9.54 -5.90 1.75
CA ASN A 22 8.63 -4.89 1.17
C ASN A 22 8.94 -3.53 1.77
N PRO A 23 10.13 -2.99 1.49
CA PRO A 23 10.58 -1.77 2.18
C PRO A 23 9.89 -0.50 1.72
N PHE A 24 9.19 -0.50 0.60
CA PHE A 24 8.55 0.75 0.14
C PHE A 24 7.25 0.90 0.90
N ALA A 25 7.29 1.74 1.93
CA ALA A 25 6.27 1.75 2.96
C ALA A 25 5.41 3.00 2.87
N LEU A 26 4.35 3.02 3.67
CA LEU A 26 3.53 4.20 3.85
C LEU A 26 3.75 4.75 5.25
N VAL A 27 4.30 5.96 5.33
CA VAL A 27 4.56 6.64 6.61
C VAL A 27 3.41 7.60 6.85
N VAL A 28 2.71 7.42 7.98
CA VAL A 28 1.46 8.12 8.26
C VAL A 28 1.55 8.85 9.60
N SER A 29 1.13 10.09 9.62
CA SER A 29 1.07 10.85 10.85
C SER A 29 -0.16 11.73 10.79
N ALA A 30 -0.57 12.23 11.96
CA ALA A 30 -1.80 13.01 12.08
C ALA A 30 -1.42 14.49 12.13
N VAL A 31 -1.15 15.05 10.95
CA VAL A 31 -0.94 16.48 10.80
C VAL A 31 -2.23 17.19 11.18
N ASP A 32 -2.21 17.97 12.26
CA ASP A 32 -3.42 18.49 12.90
C ASP A 32 -4.24 17.28 13.33
N GLY A 33 -5.45 17.08 12.83
CA GLY A 33 -6.21 15.88 13.14
C GLY A 33 -6.49 15.06 11.90
N VAL A 34 -5.92 15.47 10.77
CA VAL A 34 -6.14 14.78 9.51
C VAL A 34 -4.94 13.90 9.23
N PRO A 35 -5.15 12.67 8.76
CA PRO A 35 -4.01 11.81 8.42
C PRO A 35 -3.34 12.31 7.15
N VAL A 36 -2.01 12.25 7.14
CA VAL A 36 -1.20 12.57 5.96
C VAL A 36 -0.20 11.44 5.80
N ALA A 37 -0.01 10.96 4.57
CA ALA A 37 0.86 9.83 4.31
C ALA A 37 1.89 10.16 3.24
N THR A 38 3.11 9.64 3.42
CA THR A 38 4.16 9.74 2.41
C THR A 38 4.66 8.33 2.11
N HIS A 39 4.86 8.05 0.82
CA HIS A 39 5.43 6.78 0.37
C HIS A 39 6.95 6.88 0.40
N ALA A 40 7.60 5.99 1.15
CA ALA A 40 9.03 6.15 1.36
C ALA A 40 9.66 4.82 1.69
N PRO A 41 10.93 4.63 1.34
CA PRO A 41 11.63 3.40 1.72
C PRO A 41 12.02 3.41 3.20
N VAL A 42 11.66 2.35 3.90
CA VAL A 42 11.86 2.24 5.34
C VAL A 42 12.46 0.87 5.62
N ILE A 43 13.54 0.83 6.39
CA ILE A 43 14.19 -0.43 6.76
C ILE A 43 14.09 -0.63 8.26
N LEU A 44 14.30 -1.88 8.66
CA LEU A 44 14.21 -2.29 10.06
C LEU A 44 15.59 -2.58 10.60
N GLU A 45 15.90 -2.01 11.75
CA GLU A 45 17.12 -2.32 12.49
C GLU A 45 16.72 -3.13 13.72
N GLY A 46 17.22 -4.36 13.80
CA GLY A 46 16.86 -5.29 14.85
C GLY A 46 16.26 -6.57 14.30
N ASP A 47 16.20 -7.56 15.18
CA ASP A 47 15.72 -8.89 14.78
C ASP A 47 14.21 -8.96 14.70
N ALA A 48 13.51 -8.11 15.44
CA ALA A 48 12.05 -8.15 15.52
C ALA A 48 11.48 -6.75 15.28
N VAL A 49 10.26 -6.71 14.75
CA VAL A 49 9.56 -5.43 14.58
C VAL A 49 9.29 -4.79 15.93
N GLU A 50 8.56 -5.49 16.80
CA GLU A 50 8.32 -4.96 18.13
C GLU A 50 9.65 -4.78 18.87
N GLY A 51 9.85 -3.59 19.43
CA GLY A 51 11.12 -3.25 20.04
C GLY A 51 12.20 -2.84 19.06
N GLY A 52 11.98 -3.00 17.76
CA GLY A 52 12.94 -2.59 16.75
C GLY A 52 12.82 -1.12 16.41
N THR A 53 13.71 -0.69 15.50
CA THR A 53 13.78 0.71 15.09
C THR A 53 13.68 0.76 13.57
N LEU A 54 12.80 1.62 13.07
CA LEU A 54 12.63 1.81 11.64
C LEU A 54 13.40 3.04 11.21
N LEU A 55 13.98 2.99 10.01
CA LEU A 55 14.76 4.09 9.44
C LEU A 55 14.22 4.42 8.06
N GLY A 56 13.94 5.70 7.81
CA GLY A 56 13.42 6.09 6.52
C GLY A 56 13.88 7.49 6.17
N HIS A 57 13.48 7.95 4.98
CA HIS A 57 13.79 9.30 4.56
C HIS A 57 12.75 9.76 3.55
N MET A 58 12.60 11.09 3.45
CA MET A 58 11.75 11.68 2.41
C MET A 58 12.46 12.93 1.89
N ALA A 59 11.82 13.58 0.93
CA ALA A 59 12.33 14.84 0.43
C ALA A 59 12.22 15.92 1.49
N ARG A 60 13.26 16.73 1.64
CA ARG A 60 13.12 17.88 2.52
C ARG A 60 12.01 18.80 2.02
N ALA A 61 11.78 18.82 0.69
CA ALA A 61 10.74 19.67 0.11
C ALA A 61 9.33 19.17 0.39
N ASN A 62 9.20 17.92 0.83
CA ASN A 62 7.95 17.34 1.33
C ASN A 62 7.73 17.87 2.74
N PRO A 63 6.72 18.70 2.99
CA PRO A 63 6.60 19.30 4.34
C PRO A 63 6.09 18.34 5.40
N HIS A 64 5.79 17.09 5.03
CA HIS A 64 5.32 16.11 6.01
C HIS A 64 6.23 16.05 7.24
N TRP A 65 7.55 15.98 7.01
CA TRP A 65 8.49 15.78 8.12
C TRP A 65 8.46 16.91 9.13
N ARG A 66 7.94 18.08 8.77
CA ARG A 66 7.97 19.20 9.70
C ARG A 66 7.06 18.93 10.90
N SER A 67 6.01 18.14 10.70
CA SER A 67 5.18 17.71 11.82
C SER A 67 5.89 16.71 12.72
N PHE A 68 6.99 16.11 12.25
CA PHE A 68 7.72 15.14 13.06
C PHE A 68 8.53 15.78 14.18
N ALA A 69 8.69 17.10 14.17
CA ALA A 69 9.54 17.74 15.17
C ALA A 69 8.98 17.56 16.58
N SER A 70 7.66 17.60 16.73
CA SER A 70 7.05 17.40 18.05
C SER A 70 7.15 15.94 18.52
N SER A 71 7.86 15.09 17.77
CA SER A 71 7.93 13.66 18.02
C SER A 71 6.54 13.04 18.24
N PRO A 72 5.64 13.18 17.28
CA PRO A 72 4.31 12.58 17.44
C PRO A 72 4.36 11.10 17.05
N ASP A 73 3.26 10.44 17.34
CA ASP A 73 3.19 9.02 17.01
C ASP A 73 2.94 8.89 15.52
N VAL A 74 3.59 7.92 14.91
CA VAL A 74 3.43 7.66 13.49
C VAL A 74 3.11 6.19 13.31
N LEU A 75 2.48 5.90 12.19
CA LEU A 75 2.17 4.55 11.75
C LEU A 75 2.91 4.31 10.46
N VAL A 76 3.61 3.19 10.36
CA VAL A 76 4.29 2.81 9.13
C VAL A 76 3.65 1.51 8.68
N VAL A 77 3.16 1.49 7.45
CA VAL A 77 2.47 0.33 6.88
C VAL A 77 3.36 -0.29 5.81
N PHE A 78 3.68 -1.57 6.00
CA PHE A 78 4.42 -2.38 5.04
C PHE A 78 3.43 -3.35 4.42
N SER A 79 3.37 -3.38 3.09
CA SER A 79 2.36 -4.18 2.41
C SER A 79 3.07 -5.22 1.54
N GLY A 80 2.72 -6.49 1.75
CA GLY A 80 3.24 -7.53 0.90
C GLY A 80 2.29 -7.87 -0.23
N PRO A 81 2.49 -9.07 -0.80
CA PRO A 81 1.63 -9.55 -1.88
C PRO A 81 0.16 -9.59 -1.49
N HIS A 82 -0.69 -9.44 -2.49
CA HIS A 82 -2.12 -9.42 -2.24
C HIS A 82 -2.86 -9.78 -3.52
N GLY A 83 -4.09 -10.23 -3.35
CA GLY A 83 -4.91 -10.55 -4.49
C GLY A 83 -6.36 -10.79 -4.18
N TYR A 84 -7.22 -10.35 -5.11
CA TYR A 84 -8.66 -10.56 -5.02
C TYR A 84 -8.99 -12.04 -5.14
N VAL A 85 -9.87 -12.52 -4.27
CA VAL A 85 -10.36 -13.90 -4.33
C VAL A 85 -11.81 -13.86 -4.82
N SER A 86 -12.00 -14.21 -6.10
CA SER A 86 -13.34 -14.23 -6.70
C SER A 86 -14.03 -15.55 -6.35
N PRO A 87 -15.30 -15.53 -6.01
CA PRO A 87 -16.04 -16.77 -5.77
C PRO A 87 -15.98 -17.75 -6.93
N THR A 88 -15.69 -17.27 -8.15
CA THR A 88 -15.48 -18.18 -9.27
C THR A 88 -14.42 -19.22 -8.95
N VAL A 89 -13.39 -18.81 -8.22
CA VAL A 89 -12.31 -19.74 -7.85
C VAL A 89 -12.81 -20.84 -6.92
N TYR A 90 -13.78 -20.53 -6.06
CA TYR A 90 -14.27 -21.50 -5.08
C TYR A 90 -15.07 -22.62 -5.74
N ALA A 91 -15.90 -22.26 -6.72
CA ALA A 91 -16.81 -23.20 -7.37
C ALA A 91 -17.85 -23.77 -6.40
N THR A 92 -18.40 -22.92 -5.53
CA THR A 92 -19.45 -23.31 -4.60
C THR A 92 -20.59 -22.30 -4.68
N ASP A 93 -21.80 -22.78 -4.37
CA ASP A 93 -23.03 -22.15 -4.86
C ASP A 93 -23.49 -20.95 -4.01
N PRO A 94 -23.45 -21.03 -2.66
CA PRO A 94 -23.51 -19.79 -1.88
C PRO A 94 -22.10 -19.36 -1.52
N ALA A 95 -21.73 -18.12 -1.81
CA ALA A 95 -20.37 -17.68 -1.54
C ALA A 95 -20.34 -16.16 -1.53
N ALA A 96 -19.21 -15.62 -1.07
CA ALA A 96 -18.92 -14.19 -1.15
C ALA A 96 -17.43 -14.01 -1.37
N PRO A 97 -17.02 -12.95 -2.04
CA PRO A 97 -15.59 -12.74 -2.31
C PRO A 97 -14.85 -12.23 -1.08
N THR A 98 -13.53 -12.19 -1.21
CA THR A 98 -12.66 -11.54 -0.23
C THR A 98 -11.40 -11.07 -0.95
N TRP A 99 -10.47 -10.51 -0.18
CA TRP A 99 -9.16 -10.10 -0.70
C TRP A 99 -8.11 -10.65 0.24
N ASP A 100 -7.15 -11.40 -0.31
CA ASP A 100 -6.09 -11.98 0.50
C ASP A 100 -4.89 -11.03 0.46
N TYR A 101 -4.17 -10.92 1.58
CA TYR A 101 -3.04 -10.00 1.64
C TYR A 101 -2.26 -10.26 2.91
N ALA A 102 -1.07 -9.69 2.95
CA ALA A 102 -0.25 -9.69 4.14
C ALA A 102 0.30 -8.29 4.34
N ALA A 103 0.35 -7.85 5.60
CA ALA A 103 0.79 -6.50 5.89
C ALA A 103 1.33 -6.45 7.31
N VAL A 104 2.24 -5.51 7.56
CA VAL A 104 2.73 -5.27 8.92
C VAL A 104 2.50 -3.79 9.21
N HIS A 105 1.90 -3.49 10.35
CA HIS A 105 1.65 -2.10 10.78
C HIS A 105 2.48 -1.87 12.03
N ALA A 106 3.35 -0.87 12.00
CA ALA A 106 4.22 -0.52 13.12
C ALA A 106 3.91 0.90 13.57
N THR A 107 3.73 1.07 14.87
CA THR A 107 3.40 2.37 15.47
C THR A 107 4.39 2.73 16.56
N GLY A 108 4.82 3.98 16.57
CA GLY A 108 5.75 4.42 17.59
C GLY A 108 6.04 5.90 17.42
N ARG A 109 6.96 6.40 18.23
CA ARG A 109 7.33 7.81 18.18
C ARG A 109 8.39 8.01 17.10
N VAL A 110 8.21 9.05 16.29
CA VAL A 110 9.15 9.37 15.23
C VAL A 110 10.12 10.44 15.75
N GLU A 111 11.36 10.36 15.28
CA GLU A 111 12.42 11.29 15.65
C GLU A 111 13.20 11.63 14.40
N LEU A 112 13.50 12.91 14.19
CA LEU A 112 14.33 13.25 13.06
C LEU A 112 15.72 12.70 13.30
N ALA A 113 16.36 12.20 12.25
CA ALA A 113 17.66 11.56 12.38
C ALA A 113 18.75 12.51 11.90
N GLU A 114 19.70 12.84 12.79
CA GLU A 114 20.80 13.70 12.40
C GLU A 114 21.73 13.02 11.40
N ASP A 115 21.81 11.69 11.45
N ASP A 115 21.91 11.70 11.50
CA ASP A 115 22.69 10.91 10.58
CA ASP A 115 22.75 10.98 10.53
C ASP A 115 21.92 10.46 9.33
C ASP A 115 21.91 10.48 9.36
N ALA A 116 21.55 11.45 8.51
CA ALA A 116 20.82 11.13 7.28
C ALA A 116 21.66 10.31 6.32
N LEU A 117 22.96 10.60 6.27
CA LEU A 117 23.88 9.82 5.44
C LEU A 117 23.82 8.35 5.81
N ASP A 118 23.94 8.04 7.10
CA ASP A 118 23.91 6.63 7.52
C ASP A 118 22.59 5.97 7.13
N VAL A 119 21.48 6.69 7.27
CA VAL A 119 20.18 6.09 6.96
C VAL A 119 20.10 5.73 5.47
N VAL A 120 20.45 6.67 4.59
CA VAL A 120 20.32 6.35 3.16
C VAL A 120 21.34 5.29 2.74
N GLU A 121 22.54 5.31 3.33
CA GLU A 121 23.53 4.31 2.97
C GLU A 121 23.08 2.92 3.43
N ARG A 122 22.49 2.83 4.63
CA ARG A 122 21.95 1.56 5.08
C ARG A 122 20.79 1.11 4.21
N THR A 123 20.01 2.07 3.72
CA THR A 123 18.87 1.73 2.87
C THR A 123 19.33 1.18 1.53
N VAL A 124 20.35 1.81 0.93
CA VAL A 124 20.97 1.25 -0.27
C VAL A 124 21.40 -0.19 -0.04
N ALA A 125 22.15 -0.41 1.05
CA ALA A 125 22.70 -1.74 1.32
C ALA A 125 21.60 -2.79 1.40
N ALA A 126 20.52 -2.47 2.14
CA ALA A 126 19.42 -3.41 2.32
C ALA A 126 18.72 -3.73 1.01
N LEU A 127 18.41 -2.68 0.23
CA LEU A 127 17.60 -2.85 -0.98
C LEU A 127 18.39 -3.53 -2.10
N GLU A 128 19.69 -3.28 -2.18
CA GLU A 128 20.50 -3.86 -3.25
C GLU A 128 20.99 -5.26 -2.94
N ALA A 129 21.06 -5.65 -1.67
CA ALA A 129 21.69 -6.92 -1.32
C ALA A 129 21.14 -8.12 -2.07
N PRO A 130 19.83 -8.29 -2.25
CA PRO A 130 19.32 -9.47 -2.95
C PRO A 130 19.19 -9.34 -4.45
N ARG A 131 19.55 -8.21 -5.02
CA ARG A 131 19.45 -8.05 -6.46
C ARG A 131 20.66 -8.72 -7.10
N ASP A 132 20.47 -9.21 -8.32
CA ASP A 132 21.55 -9.95 -8.97
C ASP A 132 21.76 -9.32 -10.33
N PRO A 133 22.73 -8.40 -10.46
CA PRO A 133 23.69 -8.12 -9.38
C PRO A 133 23.31 -6.95 -8.49
N ALA A 134 23.89 -6.94 -7.29
CA ALA A 134 23.71 -5.84 -6.36
C ALA A 134 24.53 -4.64 -6.79
N TRP A 135 23.94 -3.44 -6.69
CA TRP A 135 24.66 -2.21 -7.00
C TRP A 135 25.56 -1.84 -5.81
N THR A 136 26.86 -1.66 -6.06
CA THR A 136 27.83 -1.31 -5.05
C THR A 136 28.15 0.17 -5.28
N PRO A 137 27.77 1.08 -4.39
CA PRO A 137 28.15 2.49 -4.58
C PRO A 137 29.66 2.64 -4.71
N THR A 138 30.09 3.26 -5.83
CA THR A 138 31.47 3.65 -6.03
C THR A 138 31.84 4.79 -5.10
N PRO A 139 33.13 5.11 -4.95
CA PRO A 139 33.49 6.33 -4.22
C PRO A 139 32.82 7.58 -4.78
N ALA A 140 32.73 7.69 -6.10
CA ALA A 140 32.03 8.83 -6.70
C ALA A 140 30.57 8.89 -6.25
N SER A 141 29.90 7.74 -6.14
CA SER A 141 28.50 7.78 -5.73
C SER A 141 28.36 8.15 -4.27
N ARG A 142 29.31 7.74 -3.42
CA ARG A 142 29.22 8.10 -2.00
C ARG A 142 29.45 9.60 -1.80
N GLU A 143 30.37 10.19 -2.57
CA GLU A 143 30.53 11.65 -2.52
C GLU A 143 29.26 12.33 -3.02
N TYR A 144 28.62 11.75 -4.05
CA TYR A 144 27.34 12.23 -4.54
C TYR A 144 26.28 12.21 -3.44
N PHE A 145 26.17 11.08 -2.72
CA PHE A 145 25.24 11.00 -1.59
C PHE A 145 25.43 12.17 -0.64
N ARG A 146 26.69 12.46 -0.29
CA ARG A 146 27.01 13.56 0.63
C ARG A 146 26.52 14.89 0.08
N ALA A 147 26.71 15.12 -1.24
CA ALA A 147 26.27 16.37 -1.85
C ALA A 147 24.76 16.51 -1.85
N LEU A 148 24.04 15.39 -1.87
CA LEU A 148 22.58 15.41 -1.93
C LEU A 148 21.90 15.64 -0.58
N LEU A 149 22.65 15.54 0.52
CA LEU A 149 22.02 15.54 1.84
C LEU A 149 21.20 16.79 2.16
N PRO A 150 21.55 18.00 1.69
CA PRO A 150 20.67 19.17 1.97
C PRO A 150 19.24 18.96 1.52
N GLY A 151 19.00 18.11 0.51
CA GLY A 151 17.68 17.89 -0.03
C GLY A 151 16.88 16.77 0.61
N VAL A 152 17.44 16.09 1.60
CA VAL A 152 16.82 14.93 2.22
C VAL A 152 16.63 15.14 3.70
N VAL A 153 15.61 14.49 4.25
CA VAL A 153 15.36 14.45 5.69
C VAL A 153 15.16 12.99 6.06
N ALA A 154 15.99 12.50 6.97
CA ALA A 154 15.88 11.13 7.46
C ALA A 154 15.19 11.14 8.82
N PHE A 155 14.58 10.01 9.16
CA PHE A 155 13.86 9.91 10.42
C PHE A 155 13.95 8.49 10.96
N ARG A 156 13.75 8.35 12.26
CA ARG A 156 13.69 7.06 12.95
C ARG A 156 12.36 6.90 13.68
N VAL A 157 11.87 5.67 13.73
CA VAL A 157 10.70 5.32 14.53
C VAL A 157 11.08 4.18 15.46
N ARG A 158 11.00 4.41 16.77
CA ARG A 158 11.12 3.32 17.74
C ARG A 158 9.76 2.65 17.84
N VAL A 159 9.69 1.37 17.45
CA VAL A 159 8.41 0.68 17.33
C VAL A 159 7.89 0.34 18.73
N ARG A 160 6.77 0.93 19.11
CA ARG A 160 6.20 0.60 20.41
C ARG A 160 5.22 -0.56 20.35
N THR A 161 4.39 -0.59 19.31
CA THR A 161 3.46 -1.68 19.08
C THR A 161 3.46 -2.03 17.60
N GLU A 162 3.13 -3.28 17.31
CA GLU A 162 3.02 -3.71 15.92
C GLU A 162 1.98 -4.82 15.81
N GLN A 163 1.38 -4.89 14.64
CA GLN A 163 0.39 -5.88 14.25
C GLN A 163 0.79 -6.43 12.90
N SER A 164 0.60 -7.73 12.69
CA SER A 164 0.83 -8.27 11.37
C SER A 164 -0.35 -9.15 10.96
N MET A 165 -0.79 -8.93 9.73
CA MET A 165 -1.89 -9.63 9.04
C MET A 165 -1.37 -10.56 7.97
N PHE A 166 -1.73 -11.84 8.08
CA PHE A 166 -1.49 -12.80 7.02
C PHE A 166 -2.84 -13.42 6.63
N LYS A 167 -3.65 -12.62 5.93
CA LYS A 167 -4.98 -13.05 5.49
C LYS A 167 -4.83 -13.85 4.20
N LEU A 168 -4.72 -15.16 4.35
CA LEU A 168 -4.28 -16.04 3.27
C LEU A 168 -5.16 -17.28 3.18
N SER A 169 -6.46 -17.09 3.44
CA SER A 169 -7.47 -18.14 3.25
C SER A 169 -7.25 -19.37 4.12
N GLN A 170 -6.54 -19.26 5.25
CA GLN A 170 -6.26 -20.48 6.00
C GLN A 170 -7.50 -21.01 6.73
N ASP A 171 -8.63 -20.29 6.66
CA ASP A 171 -9.89 -20.75 7.25
C ASP A 171 -10.73 -21.61 6.31
N LEU A 172 -10.37 -21.71 5.02
CA LEU A 172 -11.13 -22.50 4.06
C LEU A 172 -10.86 -23.99 4.26
N ASP A 173 -11.82 -24.82 3.81
CA ASP A 173 -11.56 -26.27 3.81
C ASP A 173 -10.54 -26.64 2.74
N ALA A 174 -10.13 -27.91 2.76
CA ALA A 174 -8.97 -28.33 1.98
C ALA A 174 -9.20 -28.14 0.48
N GLU A 175 -10.38 -28.51 -0.02
CA GLU A 175 -10.64 -28.40 -1.46
C GLU A 175 -10.70 -26.93 -1.90
N ARG A 176 -11.41 -26.09 -1.15
CA ARG A 176 -11.51 -24.68 -1.55
C ARG A 176 -10.17 -23.98 -1.40
N TYR A 177 -9.43 -24.29 -0.33
CA TYR A 177 -8.08 -23.74 -0.19
C TYR A 177 -7.21 -24.12 -1.38
N ALA A 178 -7.25 -25.39 -1.77
CA ALA A 178 -6.44 -25.86 -2.90
C ALA A 178 -6.77 -25.08 -4.16
N ARG A 179 -8.05 -24.80 -4.38
CA ARG A 179 -8.45 -24.04 -5.56
C ARG A 179 -7.91 -22.62 -5.50
N VAL A 180 -7.91 -22.00 -4.32
CA VAL A 180 -7.41 -20.63 -4.19
C VAL A 180 -5.90 -20.59 -4.43
N ARG A 181 -5.17 -21.52 -3.81
CA ARG A 181 -3.72 -21.56 -3.99
C ARG A 181 -3.36 -21.85 -5.44
N GLU A 182 -4.06 -22.80 -6.06
CA GLU A 182 -3.83 -23.10 -7.48
C GLU A 182 -4.10 -21.87 -8.34
N ALA A 183 -5.19 -21.15 -8.07
CA ALA A 183 -5.54 -20.02 -8.91
C ALA A 183 -4.53 -18.88 -8.81
N PHE A 184 -3.83 -18.76 -7.68
CA PHE A 184 -2.80 -17.74 -7.52
C PHE A 184 -1.43 -18.18 -8.03
N ALA A 185 -1.26 -19.46 -8.33
CA ALA A 185 0.06 -19.98 -8.68
C ALA A 185 0.64 -19.31 -9.92
N ALA A 186 -0.17 -19.11 -10.97
CA ALA A 186 0.36 -18.53 -12.20
C ALA A 186 0.42 -17.01 -12.19
N ASP A 187 -0.67 -16.35 -11.79
CA ASP A 187 -0.73 -14.88 -11.88
C ASP A 187 -0.05 -14.20 -10.70
N ASN A 188 -0.10 -14.79 -9.52
CA ASN A 188 0.38 -14.16 -8.29
C ASN A 188 1.34 -15.08 -7.53
N PRO A 189 2.48 -15.43 -8.12
CA PRO A 189 3.42 -16.33 -7.43
C PRO A 189 3.83 -15.84 -6.04
N GLY A 190 4.02 -14.54 -5.86
CA GLY A 190 4.40 -14.02 -4.56
C GLY A 190 3.38 -14.32 -3.49
N LEU A 191 2.09 -14.19 -3.83
CA LEU A 191 1.03 -14.51 -2.88
C LEU A 191 0.96 -16.00 -2.60
N ALA A 192 1.09 -16.83 -3.64
CA ALA A 192 1.07 -18.27 -3.42
C ALA A 192 2.23 -18.70 -2.53
N ASP A 193 3.41 -18.09 -2.69
CA ASP A 193 4.53 -18.43 -1.83
C ASP A 193 4.25 -18.08 -0.38
N LEU A 194 3.64 -16.92 -0.14
CA LEU A 194 3.30 -16.54 1.23
C LEU A 194 2.28 -17.52 1.80
N MET A 195 1.36 -17.94 0.95
CA MET A 195 0.38 -18.94 1.31
C MET A 195 1.07 -20.24 1.77
N ASP A 196 2.03 -20.72 0.98
CA ASP A 196 2.78 -21.91 1.34
C ASP A 196 3.51 -21.73 2.67
N ARG A 197 4.16 -20.58 2.86
CA ARG A 197 4.92 -20.34 4.08
C ARG A 197 4.02 -20.24 5.32
N SER A 198 2.77 -19.82 5.15
CA SER A 198 1.86 -19.70 6.29
C SER A 198 1.45 -21.05 6.85
N LEU A 199 1.58 -22.12 6.07
CA LEU A 199 1.21 -23.46 6.52
C LEU A 199 2.40 -24.28 6.95
N GLU A 200 3.61 -23.72 6.85
CA GLU A 200 4.81 -24.41 7.30
C GLU A 200 4.92 -24.32 8.82
N HIS A 201 4.97 -25.47 9.48
CA HIS A 201 5.00 -25.51 10.94
C HIS A 201 6.37 -26.00 11.45
N MET B 1 1.68 13.57 1.56
CA MET B 1 2.28 13.36 0.23
C MET B 1 2.55 14.69 -0.46
N PHE B 2 3.73 14.80 -1.06
CA PHE B 2 4.14 15.96 -1.82
C PHE B 2 4.37 15.52 -3.26
N VAL B 3 3.87 16.29 -4.22
CA VAL B 3 3.88 15.90 -5.62
C VAL B 3 4.69 16.90 -6.41
N PRO B 4 5.93 16.57 -6.77
CA PRO B 4 6.72 17.43 -7.67
C PRO B 4 6.01 17.61 -9.00
N SER B 5 6.24 18.77 -9.63
CA SER B 5 5.57 19.08 -10.89
C SER B 5 5.80 18.00 -11.93
N TYR B 6 7.02 17.45 -12.00
CA TYR B 6 7.31 16.39 -12.97
C TYR B 6 6.43 15.17 -12.78
N TYR B 7 5.92 14.93 -11.58
CA TYR B 7 5.13 13.73 -11.28
C TYR B 7 3.65 14.02 -11.11
N ALA B 8 3.19 15.20 -11.51
CA ALA B 8 1.77 15.47 -11.48
C ALA B 8 1.05 14.68 -12.58
N ALA B 9 -0.20 14.33 -12.32
CA ALA B 9 -1.01 13.67 -13.33
C ALA B 9 -1.11 14.52 -14.59
N ALA B 10 -1.02 13.85 -15.74
CA ALA B 10 -1.09 14.56 -17.02
C ALA B 10 -2.51 15.04 -17.30
N ARG B 11 -3.47 14.12 -17.29
CA ARG B 11 -4.89 14.39 -17.50
C ARG B 11 -5.66 14.11 -16.22
N PRO B 12 -6.77 14.82 -15.96
CA PRO B 12 -7.46 14.65 -14.68
C PRO B 12 -8.16 13.31 -14.51
N GLU B 13 -8.59 12.67 -15.61
CA GLU B 13 -9.20 11.35 -15.54
C GLU B 13 -8.23 10.28 -15.06
N GLN B 14 -6.92 10.55 -15.04
CA GLN B 14 -5.96 9.51 -14.68
C GLN B 14 -6.08 9.12 -13.21
N ALA B 15 -6.40 10.08 -12.35
CA ALA B 15 -6.60 9.77 -10.93
C ALA B 15 -7.78 8.84 -10.75
N ALA B 16 -8.93 9.17 -11.36
CA ALA B 16 -10.09 8.29 -11.23
C ALA B 16 -9.82 6.92 -11.83
N GLU B 17 -9.04 6.86 -12.92
CA GLU B 17 -8.74 5.57 -13.54
C GLU B 17 -7.90 4.71 -12.61
N LEU B 18 -6.90 5.31 -11.95
CA LEU B 18 -6.13 4.57 -10.96
C LEU B 18 -7.03 4.05 -9.86
N VAL B 19 -7.92 4.90 -9.34
CA VAL B 19 -8.79 4.49 -8.24
C VAL B 19 -9.63 3.29 -8.66
N ARG B 20 -10.28 3.38 -9.82
CA ARG B 20 -11.14 2.29 -10.26
C ARG B 20 -10.35 1.02 -10.52
N SER B 21 -9.09 1.16 -10.95
CA SER B 21 -8.30 -0.02 -11.30
C SER B 21 -7.66 -0.69 -10.10
N ASN B 22 -7.62 -0.01 -8.95
CA ASN B 22 -6.93 -0.52 -7.75
C ASN B 22 -7.82 -0.34 -6.52
N PRO B 23 -8.91 -1.11 -6.44
CA PRO B 23 -9.88 -0.89 -5.37
C PRO B 23 -9.44 -1.39 -3.99
N PHE B 24 -8.36 -2.17 -3.86
CA PHE B 24 -7.96 -2.63 -2.54
C PHE B 24 -7.13 -1.52 -1.90
N ALA B 25 -7.79 -0.71 -1.07
CA ALA B 25 -7.30 0.58 -0.60
C ALA B 25 -6.87 0.50 0.87
N LEU B 26 -6.28 1.60 1.34
CA LEU B 26 -5.93 1.75 2.74
C LEU B 26 -6.76 2.88 3.31
N VAL B 27 -7.60 2.57 4.28
CA VAL B 27 -8.48 3.54 4.92
C VAL B 27 -7.82 3.97 6.22
N VAL B 28 -7.56 5.27 6.36
CA VAL B 28 -6.73 5.79 7.45
C VAL B 28 -7.48 6.89 8.20
N SER B 29 -7.50 6.80 9.53
CA SER B 29 -8.09 7.84 10.34
C SER B 29 -7.36 7.92 11.67
N ALA B 30 -7.71 8.94 12.45
CA ALA B 30 -7.16 9.13 13.80
C ALA B 30 -7.99 8.38 14.83
N VAL B 31 -7.33 7.60 15.66
CA VAL B 31 -7.94 6.95 16.83
C VAL B 31 -7.12 7.40 18.03
N ASP B 32 -7.72 8.22 18.89
CA ASP B 32 -6.99 8.88 19.97
C ASP B 32 -5.81 9.70 19.45
N GLY B 33 -6.00 10.33 18.29
CA GLY B 33 -4.98 11.20 17.71
C GLY B 33 -3.81 10.48 17.08
N VAL B 34 -3.82 9.16 17.03
CA VAL B 34 -2.75 8.41 16.36
C VAL B 34 -3.37 7.74 15.14
N PRO B 35 -2.64 7.65 14.04
CA PRO B 35 -3.24 7.08 12.83
C PRO B 35 -3.45 5.58 12.97
N VAL B 36 -4.59 5.12 12.46
CA VAL B 36 -4.94 3.71 12.37
C VAL B 36 -5.39 3.44 10.95
N ALA B 37 -5.05 2.27 10.41
CA ALA B 37 -5.37 1.97 9.02
C ALA B 37 -5.97 0.57 8.87
N THR B 38 -6.94 0.46 7.95
CA THR B 38 -7.53 -0.82 7.60
C THR B 38 -7.44 -1.00 6.08
N HIS B 39 -7.05 -2.20 5.67
CA HIS B 39 -7.03 -2.58 4.25
C HIS B 39 -8.41 -3.06 3.85
N ALA B 40 -9.01 -2.40 2.86
CA ALA B 40 -10.41 -2.68 2.54
C ALA B 40 -10.71 -2.35 1.08
N PRO B 41 -11.68 -3.03 0.47
CA PRO B 41 -12.07 -2.68 -0.89
C PRO B 41 -12.92 -1.43 -0.87
N VAL B 42 -12.53 -0.44 -1.67
CA VAL B 42 -13.20 0.86 -1.72
C VAL B 42 -13.46 1.20 -3.18
N ILE B 43 -14.71 1.53 -3.50
CA ILE B 43 -15.09 1.87 -4.86
C ILE B 43 -15.48 3.36 -4.96
N LEU B 44 -15.43 3.87 -6.18
CA LEU B 44 -15.71 5.27 -6.45
C LEU B 44 -17.07 5.41 -7.12
N GLU B 45 -17.91 6.30 -6.60
CA GLU B 45 -19.13 6.73 -7.27
C GLU B 45 -18.90 8.14 -7.79
N GLY B 46 -18.90 8.30 -9.10
CA GLY B 46 -18.71 9.61 -9.70
C GLY B 46 -17.62 9.64 -10.75
N ASP B 47 -17.66 10.64 -11.62
CA ASP B 47 -16.66 10.72 -12.69
C ASP B 47 -15.29 11.15 -12.17
N ALA B 48 -15.24 11.86 -11.05
CA ALA B 48 -14.01 12.44 -10.56
C ALA B 48 -13.80 12.05 -9.11
N VAL B 49 -12.53 11.93 -8.72
CA VAL B 49 -12.21 11.66 -7.33
C VAL B 49 -12.65 12.83 -6.45
N GLU B 50 -12.14 14.03 -6.76
CA GLU B 50 -12.52 15.19 -5.97
C GLU B 50 -14.00 15.48 -6.17
N GLY B 51 -14.73 15.63 -5.06
CA GLY B 51 -16.17 15.75 -5.10
C GLY B 51 -16.92 14.44 -5.27
N GLY B 52 -16.23 13.33 -5.52
CA GLY B 52 -16.86 12.04 -5.60
C GLY B 52 -17.10 11.45 -4.22
N THR B 53 -17.73 10.28 -4.22
CA THR B 53 -18.00 9.54 -2.99
C THR B 53 -17.36 8.17 -3.08
N LEU B 54 -16.65 7.78 -2.02
CA LEU B 54 -16.06 6.47 -1.87
C LEU B 54 -16.98 5.62 -1.00
N LEU B 55 -17.11 4.34 -1.35
CA LEU B 55 -17.89 3.38 -0.58
C LEU B 55 -17.02 2.19 -0.22
N GLY B 56 -17.07 1.76 1.04
CA GLY B 56 -16.23 0.66 1.47
C GLY B 56 -16.87 -0.07 2.63
N HIS B 57 -16.27 -1.21 2.99
CA HIS B 57 -16.74 -1.94 4.15
C HIS B 57 -15.57 -2.61 4.86
N MET B 58 -15.86 -3.11 6.06
CA MET B 58 -14.90 -3.59 7.04
C MET B 58 -15.65 -4.44 8.05
N ALA B 59 -14.91 -5.25 8.79
CA ALA B 59 -15.55 -6.15 9.74
C ALA B 59 -16.15 -5.34 10.89
N ARG B 60 -17.36 -5.72 11.32
CA ARG B 60 -17.89 -5.10 12.54
C ARG B 60 -16.98 -5.33 13.73
N ALA B 61 -16.30 -6.48 13.80
CA ALA B 61 -15.38 -6.73 14.90
C ALA B 61 -14.10 -5.93 14.81
N ASN B 62 -13.83 -5.28 13.67
CA ASN B 62 -12.72 -4.36 13.56
C ASN B 62 -13.13 -3.05 14.21
N PRO B 63 -12.46 -2.60 15.29
CA PRO B 63 -12.94 -1.41 16.01
C PRO B 63 -12.67 -0.09 15.32
N HIS B 64 -11.96 -0.09 14.19
CA HIS B 64 -11.62 1.13 13.48
C HIS B 64 -12.86 1.98 13.21
N TRP B 65 -13.95 1.36 12.74
CA TRP B 65 -15.12 2.14 12.34
C TRP B 65 -15.79 2.86 13.49
N ARG B 66 -15.54 2.44 14.74
CA ARG B 66 -16.17 3.08 15.88
C ARG B 66 -15.71 4.52 16.04
N SER B 67 -14.56 4.87 15.47
CA SER B 67 -14.05 6.24 15.47
C SER B 67 -14.67 7.08 14.36
N PHE B 68 -15.45 6.48 13.46
CA PHE B 68 -16.06 7.21 12.36
C PHE B 68 -17.33 7.92 12.77
N ALA B 69 -17.99 7.46 13.84
CA ALA B 69 -19.31 7.97 14.19
C ALA B 69 -19.31 9.46 14.45
N SER B 70 -18.15 10.02 14.80
CA SER B 70 -18.03 11.46 14.93
C SER B 70 -17.86 12.13 13.57
N SER B 71 -17.76 11.35 12.50
CA SER B 71 -17.53 11.86 11.15
C SER B 71 -16.23 12.66 11.11
N PRO B 72 -15.09 12.06 11.48
CA PRO B 72 -13.82 12.76 11.34
C PRO B 72 -13.27 12.65 9.92
N ASP B 73 -12.21 13.39 9.68
CA ASP B 73 -11.61 13.31 8.37
C ASP B 73 -10.84 12.01 8.26
N VAL B 74 -10.97 11.39 7.11
CA VAL B 74 -10.24 10.17 6.79
C VAL B 74 -9.42 10.41 5.55
N LEU B 75 -8.42 9.57 5.38
CA LEU B 75 -7.58 9.52 4.20
C LEU B 75 -7.70 8.14 3.60
N VAL B 76 -8.00 8.06 2.29
CA VAL B 76 -8.02 6.77 1.61
C VAL B 76 -6.93 6.78 0.56
N VAL B 77 -6.03 5.81 0.63
CA VAL B 77 -4.88 5.69 -0.28
C VAL B 77 -5.14 4.56 -1.26
N PHE B 78 -5.14 4.88 -2.55
CA PHE B 78 -5.20 3.89 -3.62
C PHE B 78 -3.83 3.78 -4.26
N SER B 79 -3.32 2.56 -4.42
CA SER B 79 -1.97 2.34 -4.88
C SER B 79 -1.98 1.63 -6.23
N GLY B 80 -1.27 2.20 -7.20
CA GLY B 80 -1.09 1.56 -8.48
C GLY B 80 0.21 0.78 -8.55
N PRO B 81 0.63 0.43 -9.76
CA PRO B 81 1.94 -0.21 -9.96
C PRO B 81 3.08 0.61 -9.35
N HIS B 82 4.14 -0.08 -8.97
CA HIS B 82 5.31 0.56 -8.38
C HIS B 82 6.50 -0.37 -8.53
N GLY B 83 7.70 0.22 -8.47
CA GLY B 83 8.90 -0.58 -8.55
C GLY B 83 10.18 0.18 -8.24
N TYR B 84 11.12 -0.52 -7.61
CA TYR B 84 12.41 0.06 -7.28
C TYR B 84 13.22 0.36 -8.53
N VAL B 85 13.84 1.53 -8.56
CA VAL B 85 14.75 1.90 -9.65
C VAL B 85 16.19 1.78 -9.13
N SER B 86 16.86 0.70 -9.51
CA SER B 86 18.25 0.55 -9.08
C SER B 86 19.17 1.38 -9.97
N PRO B 87 20.20 2.00 -9.41
CA PRO B 87 21.21 2.66 -10.26
C PRO B 87 21.87 1.72 -11.26
N THR B 88 21.80 0.41 -11.04
CA THR B 88 22.27 -0.54 -12.06
C THR B 88 21.63 -0.26 -13.42
N VAL B 89 20.36 0.15 -13.43
CA VAL B 89 19.66 0.36 -14.69
C VAL B 89 20.14 1.61 -15.42
N TYR B 90 20.49 2.68 -14.68
CA TYR B 90 20.90 3.92 -15.32
C TYR B 90 22.18 3.73 -16.09
N ALA B 91 23.03 2.82 -15.62
CA ALA B 91 24.35 2.57 -16.20
C ALA B 91 25.23 3.82 -16.19
N THR B 92 24.97 4.72 -15.23
CA THR B 92 25.78 5.90 -14.99
C THR B 92 26.47 5.77 -13.65
N ASP B 93 27.54 6.54 -13.42
CA ASP B 93 28.34 6.15 -12.26
C ASP B 93 28.00 6.91 -10.99
N PRO B 94 28.30 8.20 -10.81
CA PRO B 94 27.63 8.86 -9.67
C PRO B 94 26.15 8.66 -9.91
N ALA B 95 25.45 7.92 -9.06
CA ALA B 95 24.02 7.79 -9.21
C ALA B 95 23.40 7.53 -7.83
N ALA B 96 22.09 7.71 -7.74
CA ALA B 96 21.33 7.33 -6.55
C ALA B 96 20.05 6.59 -6.95
N PRO B 97 19.54 5.70 -6.11
CA PRO B 97 18.31 4.99 -6.44
C PRO B 97 17.07 5.84 -6.17
N THR B 98 15.94 5.33 -6.63
CA THR B 98 14.64 5.89 -6.29
C THR B 98 13.61 4.76 -6.39
N TRP B 99 12.34 5.10 -6.16
CA TRP B 99 11.24 4.18 -6.32
C TRP B 99 10.18 4.87 -7.15
N ASP B 100 9.73 4.21 -8.21
CA ASP B 100 8.68 4.76 -9.07
C ASP B 100 7.34 4.17 -8.64
N TYR B 101 6.29 4.98 -8.69
CA TYR B 101 4.98 4.51 -8.23
C TYR B 101 3.91 5.50 -8.66
N ALA B 102 2.67 5.04 -8.63
CA ALA B 102 1.53 5.94 -8.81
C ALA B 102 0.54 5.68 -7.68
N ALA B 103 -0.08 6.75 -7.20
CA ALA B 103 -0.99 6.63 -6.07
C ALA B 103 -1.94 7.82 -6.07
N VAL B 104 -3.13 7.59 -5.52
CA VAL B 104 -4.12 8.64 -5.32
C VAL B 104 -4.49 8.68 -3.85
N HIS B 105 -4.42 9.86 -3.25
CA HIS B 105 -4.79 10.09 -1.86
C HIS B 105 -6.07 10.92 -1.85
N ALA B 106 -7.15 10.36 -1.31
CA ALA B 106 -8.43 11.07 -1.21
C ALA B 106 -8.73 11.37 0.25
N THR B 107 -9.00 12.63 0.56
CA THR B 107 -9.35 13.04 1.92
C THR B 107 -10.75 13.63 1.97
N GLY B 108 -11.49 13.26 2.99
CA GLY B 108 -12.80 13.82 3.20
C GLY B 108 -13.37 13.42 4.53
N ARG B 109 -14.69 13.58 4.66
CA ARG B 109 -15.39 13.22 5.88
C ARG B 109 -16.02 11.85 5.70
N VAL B 110 -15.87 10.98 6.69
CA VAL B 110 -16.42 9.64 6.61
C VAL B 110 -17.73 9.59 7.37
N GLU B 111 -18.64 8.75 6.89
CA GLU B 111 -19.88 8.49 7.59
C GLU B 111 -20.23 7.02 7.44
N LEU B 112 -20.86 6.47 8.48
CA LEU B 112 -21.32 5.10 8.41
C LEU B 112 -22.51 4.99 7.46
N ALA B 113 -22.50 3.95 6.64
CA ALA B 113 -23.53 3.71 5.64
C ALA B 113 -24.52 2.68 6.16
N GLU B 114 -25.80 3.09 6.28
CA GLU B 114 -26.81 2.15 6.77
C GLU B 114 -27.03 1.01 5.79
N ASP B 115 -27.12 1.31 4.49
N ASP B 115 -27.04 1.32 4.50
CA ASP B 115 -27.34 0.27 3.49
CA ASP B 115 -27.30 0.34 3.45
C ASP B 115 -26.03 -0.45 3.19
C ASP B 115 -26.04 -0.50 3.15
N ALA B 116 -25.58 -1.22 4.18
CA ALA B 116 -24.38 -2.03 4.00
C ALA B 116 -24.58 -3.09 2.93
N LEU B 117 -25.80 -3.62 2.80
CA LEU B 117 -26.08 -4.57 1.73
C LEU B 117 -25.81 -3.96 0.37
N ASP B 118 -26.26 -2.72 0.15
CA ASP B 118 -26.07 -2.13 -1.17
C ASP B 118 -24.60 -1.82 -1.42
N VAL B 119 -23.86 -1.40 -0.40
CA VAL B 119 -22.43 -1.14 -0.56
C VAL B 119 -21.69 -2.40 -1.01
N VAL B 120 -21.94 -3.53 -0.32
CA VAL B 120 -21.19 -4.73 -0.69
C VAL B 120 -21.64 -5.28 -2.05
N GLU B 121 -22.90 -5.14 -2.41
CA GLU B 121 -23.31 -5.62 -3.74
C GLU B 121 -22.73 -4.74 -4.84
N ARG B 122 -22.71 -3.41 -4.67
CA ARG B 122 -22.01 -2.58 -5.65
C ARG B 122 -20.53 -2.92 -5.71
N THR B 123 -19.91 -3.29 -4.59
CA THR B 123 -18.51 -3.70 -4.61
C THR B 123 -18.32 -5.00 -5.40
N VAL B 124 -19.21 -5.97 -5.20
CA VAL B 124 -19.14 -7.20 -6.00
C VAL B 124 -19.22 -6.86 -7.50
N ALA B 125 -20.22 -6.05 -7.88
CA ALA B 125 -20.37 -5.72 -9.29
C ALA B 125 -19.12 -5.07 -9.85
N ALA B 126 -18.51 -4.16 -9.08
CA ALA B 126 -17.39 -3.38 -9.59
C ALA B 126 -16.15 -4.24 -9.79
N LEU B 127 -15.90 -5.15 -8.86
CA LEU B 127 -14.68 -5.94 -8.88
C LEU B 127 -14.81 -7.14 -9.82
N GLU B 128 -16.03 -7.61 -10.05
CA GLU B 128 -16.25 -8.72 -10.98
C GLU B 128 -16.39 -8.26 -12.43
N ALA B 129 -16.66 -6.98 -12.68
CA ALA B 129 -16.87 -6.51 -14.05
C ALA B 129 -15.68 -6.71 -14.97
N PRO B 130 -14.42 -6.43 -14.58
CA PRO B 130 -13.31 -6.67 -15.50
C PRO B 130 -12.92 -8.15 -15.66
N ARG B 131 -13.57 -9.07 -14.98
CA ARG B 131 -13.20 -10.48 -15.04
C ARG B 131 -14.07 -11.21 -16.05
N ASP B 132 -13.50 -12.27 -16.64
CA ASP B 132 -14.19 -13.03 -17.67
C ASP B 132 -13.82 -14.51 -17.54
N PRO B 133 -14.74 -15.35 -17.04
CA PRO B 133 -16.13 -15.04 -16.67
C PRO B 133 -16.29 -14.17 -15.42
N ALA B 134 -17.34 -13.37 -15.37
CA ALA B 134 -17.67 -12.58 -14.19
C ALA B 134 -18.61 -13.37 -13.27
N TRP B 135 -18.42 -13.22 -11.96
CA TRP B 135 -19.25 -13.91 -10.99
C TRP B 135 -20.46 -13.03 -10.65
N THR B 136 -21.66 -13.56 -10.90
CA THR B 136 -22.89 -12.85 -10.55
C THR B 136 -23.55 -13.57 -9.39
N PRO B 137 -23.81 -12.90 -8.27
CA PRO B 137 -24.44 -13.58 -7.12
C PRO B 137 -25.78 -14.21 -7.49
N THR B 138 -25.89 -15.51 -7.19
CA THR B 138 -27.14 -16.22 -7.28
C THR B 138 -28.12 -15.72 -6.21
N PRO B 139 -29.42 -15.99 -6.37
CA PRO B 139 -30.35 -15.71 -5.25
C PRO B 139 -29.91 -16.36 -3.95
N ALA B 140 -29.38 -17.59 -4.01
CA ALA B 140 -28.82 -18.22 -2.81
C ALA B 140 -27.69 -17.37 -2.22
N SER B 141 -26.81 -16.85 -3.07
CA SER B 141 -25.72 -16.03 -2.57
C SER B 141 -26.24 -14.71 -2.01
N ARG B 142 -27.28 -14.13 -2.63
CA ARG B 142 -27.82 -12.89 -2.08
C ARG B 142 -28.41 -13.12 -0.71
N GLU B 143 -29.09 -14.25 -0.51
CA GLU B 143 -29.59 -14.59 0.82
C GLU B 143 -28.44 -14.73 1.81
N TYR B 144 -27.34 -15.32 1.35
CA TYR B 144 -26.16 -15.47 2.18
C TYR B 144 -25.59 -14.11 2.57
N PHE B 145 -25.57 -13.16 1.62
CA PHE B 145 -25.15 -11.80 1.96
C PHE B 145 -25.99 -11.23 3.10
N ARG B 146 -27.31 -11.42 3.04
CA ARG B 146 -28.17 -10.93 4.11
C ARG B 146 -27.82 -11.59 5.42
N ALA B 147 -27.52 -12.89 5.39
CA ALA B 147 -27.13 -13.60 6.60
C ALA B 147 -25.83 -13.06 7.19
N LEU B 148 -24.93 -12.56 6.34
CA LEU B 148 -23.62 -12.09 6.77
C LEU B 148 -23.69 -10.68 7.35
N LEU B 149 -24.77 -9.95 7.09
CA LEU B 149 -24.78 -8.51 7.33
C LEU B 149 -24.48 -8.08 8.76
N PRO B 150 -24.92 -8.78 9.82
CA PRO B 150 -24.54 -8.38 11.18
C PRO B 150 -23.04 -8.20 11.39
N GLY B 151 -22.19 -8.95 10.68
CA GLY B 151 -20.75 -8.88 10.89
C GLY B 151 -20.01 -7.84 10.07
N VAL B 152 -20.71 -7.01 9.32
CA VAL B 152 -20.07 -6.05 8.43
C VAL B 152 -20.54 -4.64 8.77
N VAL B 153 -19.64 -3.68 8.59
CA VAL B 153 -19.95 -2.26 8.70
C VAL B 153 -19.51 -1.59 7.40
N ALA B 154 -20.43 -0.87 6.77
CA ALA B 154 -20.13 -0.12 5.55
C ALA B 154 -19.98 1.36 5.87
N PHE B 155 -19.26 2.06 5.00
CA PHE B 155 -19.04 3.49 5.22
C PHE B 155 -18.89 4.22 3.89
N ARG B 156 -19.09 5.53 3.94
CA ARG B 156 -18.98 6.44 2.79
C ARG B 156 -18.00 7.56 3.11
N VAL B 157 -17.25 7.99 2.10
CA VAL B 157 -16.36 9.15 2.22
C VAL B 157 -16.74 10.13 1.12
N ARG B 158 -17.16 11.34 1.51
CA ARG B 158 -17.33 12.42 0.53
C ARG B 158 -15.97 13.09 0.36
N VAL B 159 -15.39 12.95 -0.84
CA VAL B 159 -14.00 13.37 -1.06
C VAL B 159 -13.95 14.89 -1.18
N ARG B 160 -13.27 15.53 -0.24
CA ARG B 160 -13.11 16.98 -0.26
C ARG B 160 -11.90 17.40 -1.09
N THR B 161 -10.78 16.72 -0.90
CA THR B 161 -9.55 17.03 -1.60
C THR B 161 -8.92 15.74 -2.09
N GLU B 162 -8.20 15.83 -3.20
CA GLU B 162 -7.48 14.67 -3.70
C GLU B 162 -6.14 15.12 -4.28
N GLN B 163 -5.15 14.25 -4.09
CA GLN B 163 -3.81 14.41 -4.64
C GLN B 163 -3.44 13.14 -5.39
N SER B 164 -2.79 13.27 -6.53
CA SER B 164 -2.27 12.11 -7.22
C SER B 164 -0.80 12.28 -7.54
N MET B 165 -0.04 11.22 -7.29
CA MET B 165 1.37 11.10 -7.66
C MET B 165 1.55 10.10 -8.80
N PHE B 166 2.21 10.54 -9.87
CA PHE B 166 2.63 9.65 -10.95
C PHE B 166 4.13 9.79 -11.13
N LYS B 167 4.87 9.21 -10.19
CA LYS B 167 6.32 9.30 -10.16
C LYS B 167 6.89 8.20 -11.06
N LEU B 168 7.18 8.58 -12.30
CA LEU B 168 7.43 7.61 -13.37
C LEU B 168 8.66 8.04 -14.17
N SER B 169 9.63 8.66 -13.49
CA SER B 169 10.92 9.02 -14.09
C SER B 169 10.79 9.97 -15.27
N GLN B 170 9.67 10.71 -15.40
CA GLN B 170 9.58 11.55 -16.59
C GLN B 170 10.57 12.72 -16.55
N ASP B 171 11.27 12.92 -15.42
CA ASP B 171 12.32 13.94 -15.34
C ASP B 171 13.60 13.54 -16.06
N LEU B 172 13.79 12.25 -16.34
CA LEU B 172 15.03 11.78 -16.92
C LEU B 172 15.15 12.17 -18.39
N ASP B 173 16.39 12.39 -18.82
CA ASP B 173 16.73 12.47 -20.22
C ASP B 173 16.46 11.12 -20.92
N ALA B 174 16.48 11.14 -22.25
CA ALA B 174 15.92 10.03 -23.01
C ALA B 174 16.71 8.73 -22.82
N GLU B 175 18.04 8.80 -22.74
CA GLU B 175 18.78 7.54 -22.68
C GLU B 175 18.59 6.87 -21.31
N ARG B 176 18.61 7.65 -20.24
CA ARG B 176 18.35 7.09 -18.92
C ARG B 176 16.91 6.63 -18.80
N TYR B 177 15.97 7.39 -19.38
CA TYR B 177 14.56 7.02 -19.32
C TYR B 177 14.30 5.71 -20.04
N ALA B 178 14.86 5.54 -21.24
CA ALA B 178 14.64 4.32 -22.01
C ALA B 178 15.13 3.09 -21.25
N ARG B 179 16.22 3.25 -20.50
N ARG B 179 16.23 3.24 -20.50
CA ARG B 179 16.74 2.11 -19.74
CA ARG B 179 16.76 2.13 -19.73
C ARG B 179 15.82 1.75 -18.59
C ARG B 179 15.84 1.76 -18.59
N VAL B 180 15.23 2.76 -17.94
CA VAL B 180 14.27 2.49 -16.87
C VAL B 180 13.04 1.77 -17.42
N ARG B 181 12.50 2.27 -18.54
CA ARG B 181 11.28 1.65 -19.07
C ARG B 181 11.57 0.24 -19.56
N GLU B 182 12.72 0.03 -20.19
CA GLU B 182 13.05 -1.30 -20.70
C GLU B 182 13.18 -2.31 -19.57
N ALA B 183 13.74 -1.88 -18.42
CA ALA B 183 13.96 -2.81 -17.32
C ALA B 183 12.67 -3.16 -16.59
N PHE B 184 11.69 -2.26 -16.60
CA PHE B 184 10.39 -2.60 -16.04
C PHE B 184 9.57 -3.44 -17.00
N ALA B 185 9.86 -3.36 -18.30
CA ALA B 185 9.02 -4.02 -19.31
C ALA B 185 8.91 -5.52 -19.05
N ALA B 186 10.03 -6.16 -18.74
CA ALA B 186 10.01 -7.60 -18.49
C ALA B 186 9.39 -7.92 -17.13
N ASP B 187 9.84 -7.23 -16.07
CA ASP B 187 9.49 -7.63 -14.72
C ASP B 187 8.21 -6.99 -14.20
N ASN B 188 7.83 -5.81 -14.70
CA ASN B 188 6.76 -5.03 -14.10
C ASN B 188 5.95 -4.36 -15.21
N PRO B 189 5.27 -5.17 -16.05
CA PRO B 189 4.61 -4.58 -17.22
C PRO B 189 3.54 -3.55 -16.89
N GLY B 190 2.85 -3.70 -15.76
CA GLY B 190 1.88 -2.69 -15.35
C GLY B 190 2.51 -1.34 -15.10
N LEU B 191 3.71 -1.33 -14.52
CA LEU B 191 4.42 -0.08 -14.34
C LEU B 191 4.88 0.50 -15.67
N ALA B 192 5.43 -0.35 -16.55
CA ALA B 192 5.85 0.12 -17.87
C ALA B 192 4.68 0.72 -18.63
N ASP B 193 3.49 0.10 -18.53
CA ASP B 193 2.31 0.63 -19.19
C ASP B 193 1.98 2.01 -18.66
N LEU B 194 2.13 2.19 -17.34
CA LEU B 194 1.79 3.46 -16.73
C LEU B 194 2.76 4.56 -17.16
N MET B 195 4.05 4.23 -17.31
CA MET B 195 4.96 5.20 -17.89
C MET B 195 4.58 5.58 -19.31
N ASP B 196 4.15 4.61 -20.12
CA ASP B 196 3.72 4.93 -21.49
C ASP B 196 2.55 5.90 -21.47
N ARG B 197 1.55 5.65 -20.61
CA ARG B 197 0.39 6.54 -20.56
C ARG B 197 0.75 7.91 -20.04
N SER B 198 1.79 8.02 -19.22
CA SER B 198 2.19 9.30 -18.67
C SER B 198 2.76 10.25 -19.72
N LEU B 199 3.15 9.73 -20.88
CA LEU B 199 3.74 10.57 -21.92
C LEU B 199 2.73 10.97 -22.97
N GLU B 200 1.52 10.42 -22.92
CA GLU B 200 0.49 10.73 -23.90
C GLU B 200 0.06 12.19 -23.78
N HIS B 201 -0.50 12.71 -24.87
CA HIS B 201 -0.98 14.09 -24.90
C HIS B 201 -2.38 14.15 -25.50
CHA HEM C . 13.66 11.44 -2.02
CHB HEM C . 13.59 6.64 -2.79
CHC HEM C . 18.29 6.34 -1.55
CHD HEM C . 18.49 11.20 -1.54
C1A HEM C . 13.21 10.16 -2.26
C2A HEM C . 11.84 9.78 -2.52
C3A HEM C . 11.82 8.44 -2.74
C4A HEM C . 13.18 7.96 -2.63
CMA HEM C . 10.59 7.58 -3.06
CAA HEM C . 10.63 10.73 -2.52
CBA HEM C . 10.24 10.98 -1.05
CGA HEM C . 9.09 11.97 -0.92
O1A HEM C . 9.19 12.83 0.00
O2A HEM C . 8.12 11.92 -1.70
C1B HEM C . 14.83 6.17 -2.50
C2B HEM C . 15.20 4.77 -2.50
C3B HEM C . 16.46 4.67 -2.12
C4B HEM C . 17.00 6.01 -1.90
CMB HEM C . 14.24 3.61 -2.82
CAB HEM C . 17.22 3.34 -2.00
CBB HEM C . 18.23 3.24 -1.15
C1C HEM C . 18.77 7.64 -1.48
C2C HEM C . 20.14 8.04 -1.24
C3C HEM C . 20.19 9.37 -1.22
C4C HEM C . 18.85 9.88 -1.46
CMC HEM C . 21.34 7.10 -1.02
CAC HEM C . 21.48 10.18 -1.00
CBC HEM C . 21.48 11.34 -0.33
C1D HEM C . 17.22 11.69 -1.73
C2D HEM C . 16.86 13.07 -1.96
C3D HEM C . 15.54 13.14 -2.09
C4D HEM C . 14.99 11.80 -1.95
CMD HEM C . 17.87 14.26 -2.04
CAD HEM C . 14.69 14.41 -2.34
CBD HEM C . 14.89 14.89 -3.76
CGD HEM C . 14.44 13.81 -4.68
O1D HEM C . 13.24 13.44 -4.60
O2D HEM C . 15.27 13.33 -5.50
NA HEM C . 14.04 9.02 -2.33
NB HEM C . 15.96 6.87 -2.12
NC HEM C . 18.00 8.79 -1.62
ND HEM C . 16.05 10.96 -1.75
FE HEM C . 15.96 8.89 -1.80
C1 GOL D . 13.19 25.86 7.02
O1 GOL D . 12.94 27.02 6.29
C2 GOL D . 14.49 25.23 6.47
O2 GOL D . 14.44 23.86 6.50
C3 GOL D . 14.66 25.77 5.02
O3 GOL D . 14.06 24.84 4.17
S SO4 E . -3.06 -0.17 13.23
O1 SO4 E . -3.22 0.32 11.88
O2 SO4 E . -4.25 -0.91 13.68
O3 SO4 E . -1.95 -1.11 13.31
O4 SO4 E . -2.77 0.94 14.14
CHA HEM F . -14.87 -8.18 5.72
CHB HEM F . -13.15 -8.08 1.19
CHC HEM F . -17.70 -8.41 -0.46
CHD HEM F . -19.26 -9.40 4.04
C1A HEM F . -14.02 -8.04 4.65
C2A HEM F . -12.59 -7.77 4.71
C3A HEM F . -12.13 -7.73 3.45
C4A HEM F . -13.24 -8.01 2.55
CMA HEM F . -10.69 -7.48 3.00
CAA HEM F . -11.79 -7.52 6.00
CBA HEM F . -12.13 -6.13 6.58
CGA HEM F . -11.42 -5.85 7.89
O1A HEM F . -11.98 -5.19 8.80
O2A HEM F . -10.24 -6.28 8.03
C1B HEM F . -14.25 -8.11 0.34
C2B HEM F . -14.18 -7.94 -1.09
C3B HEM F . -15.43 -8.03 -1.56
C4B HEM F . -16.33 -8.24 -0.43
CMB HEM F . -12.90 -7.71 -1.92
CAB HEM F . -15.73 -7.87 -3.06
CBB HEM F . -16.96 -7.60 -3.45
C1C HEM F . -18.51 -8.78 0.60
C2C HEM F . -19.91 -9.17 0.52
C3C HEM F . -20.34 -9.41 1.76
C4C HEM F . -19.23 -9.23 2.68
CMC HEM F . -20.78 -9.25 -0.74
CAC HEM F . -21.77 -9.85 2.13
CBC HEM F . -22.36 -9.36 3.23
C1D HEM F . -18.18 -9.22 4.88
C2D HEM F . -18.12 -9.59 6.27
C3D HEM F . -16.91 -9.26 6.74
C4D HEM F . -16.16 -8.65 5.65
CMD HEM F . -19.26 -10.25 7.08
CAD HEM F . -16.38 -9.46 8.18
CBD HEM F . -15.95 -10.92 8.37
CGD HEM F . -14.82 -11.29 7.43
O1D HEM F . -13.70 -10.71 7.57
O2D HEM F . -15.01 -12.18 6.58
NA HEM F . -14.37 -8.21 3.32
NB HEM F . -15.56 -8.28 0.72
NC HEM F . -18.15 -8.82 1.92
ND HEM F . -16.96 -8.67 4.53
FE HEM F . -16.31 -8.33 2.64
C1 GOL G . -22.56 -1.78 17.71
O1 GOL G . -22.77 -1.91 16.32
C2 GOL G . -22.16 -3.17 18.20
O2 GOL G . -21.40 -3.83 17.24
C3 GOL G . -21.40 -2.99 19.54
O3 GOL G . -21.71 -1.71 20.05
S SO4 H . -2.05 13.45 1.80
O1 SO4 H . -2.63 13.25 0.49
O2 SO4 H . -3.11 13.86 2.73
O3 SO4 H . -1.48 12.20 2.31
O4 SO4 H . -1.00 14.47 1.68
S SO4 I . 7.23 -3.59 -24.19
O1 SO4 I . 5.92 -3.35 -24.79
O2 SO4 I . 7.31 -2.92 -22.90
O3 SO4 I . 7.42 -5.03 -23.99
O4 SO4 I . 8.28 -3.08 -25.07
#